data_9JJV
#
_entry.id   9JJV
#
_cell.length_a   91.567
_cell.length_b   148.057
_cell.length_c   71.315
_cell.angle_alpha   90.00
_cell.angle_beta   90.00
_cell.angle_gamma   90.00
#
_symmetry.space_group_name_H-M   'C 2 2 21'
#
loop_
_entity.id
_entity.type
_entity.pdbx_description
1 polymer 'LOC432253 protein'
2 non-polymer "GUANOSINE-5'-DIPHOSPHATE"
3 non-polymer 'TETRAFLUOROALUMINATE ION'
4 non-polymer 'MAGNESIUM ION'
5 water water
#
_entity_poly.entity_id   1
_entity_poly.type   'polypeptide(L)'
_entity_poly.pdbx_seq_one_letter_code
;AEPDHPIQLVWTDVNGRLSLDLSGAHDCFLNTRYSNYPVFILCIIGEKRRGKSFLMNYIMRALRSMEMDEEISLGADDEP
LKGFKWSPGTETTTKGIWMWNRPFLLNHKGGKIAVFLLDTEGSLDIESDRETCIKLSALSLFISSHLIFNVASNLKETEL
DYMEMYMNMGEECGPKNLQHLDILVRDWYHSKKWDRDVARSYISREIEKLEKLNSYPKVLWSLKSNQTRCFLLPHPGKGI
TGESEGRLQDMDEDFQESLRSYVSKVVKGICTHIKTNIDGELLTSAHVFSMLQEFTEVLNLQIYGFSSPMEMFYAIKNQK
LMGEIENEFQDFLKNQSSLTLPPTMRVKVSQKFSELLEKFMQFVQGSNTSSHDAMLKDLEVRLLEIQEKFCNDFTTRFT
;
_entity_poly.pdbx_strand_id   A
#
loop_
_chem_comp.id
_chem_comp.type
_chem_comp.name
_chem_comp.formula
ALF non-polymer 'TETRAFLUOROALUMINATE ION' 'Al F4 -1'
GDP RNA linking GUANOSINE-5'-DIPHOSPHATE 'C10 H15 N5 O11 P2'
MG non-polymer 'MAGNESIUM ION' 'Mg 2'
#
# COMPACT_ATOMS: atom_id res chain seq x y z
N ALA A 1 21.68 15.70 6.93
CA ALA A 1 20.72 15.02 7.79
C ALA A 1 21.35 14.58 9.12
N GLU A 2 21.04 15.33 10.22
CA GLU A 2 21.49 15.09 11.59
C GLU A 2 20.52 14.21 12.37
N PRO A 3 20.94 13.63 13.48
CA PRO A 3 20.05 12.71 14.22
C PRO A 3 18.85 13.41 14.85
N ASP A 4 17.78 12.62 15.02
CA ASP A 4 16.49 13.06 15.56
C ASP A 4 15.73 13.96 14.56
N HIS A 5 15.63 13.48 13.33
N HIS A 5 15.62 13.48 13.34
CA HIS A 5 14.84 14.10 12.28
CA HIS A 5 14.68 14.08 12.41
C HIS A 5 14.26 12.97 11.44
C HIS A 5 14.30 13.05 11.37
N PRO A 6 13.16 13.20 10.72
CA PRO A 6 12.72 12.21 9.74
C PRO A 6 13.56 12.32 8.48
N ILE A 7 13.78 11.18 7.83
CA ILE A 7 14.47 11.15 6.55
C ILE A 7 13.65 10.31 5.61
N GLN A 8 13.70 10.64 4.31
CA GLN A 8 12.88 9.92 3.35
C GLN A 8 13.58 8.64 2.92
N LEU A 9 12.96 7.50 3.22
CA LEU A 9 13.57 6.21 2.93
C LEU A 9 13.30 5.81 1.49
N VAL A 10 12.08 6.08 1.01
CA VAL A 10 11.61 5.65 -0.31
C VAL A 10 10.90 6.81 -0.96
N TRP A 11 11.18 7.04 -2.24
CA TRP A 11 10.40 8.00 -3.02
C TRP A 11 10.11 7.39 -4.37
N THR A 12 9.17 7.98 -5.07
CA THR A 12 8.78 7.50 -6.38
C THR A 12 9.18 8.52 -7.43
N ASP A 13 9.57 8.05 -8.62
CA ASP A 13 9.94 9.00 -9.66
C ASP A 13 8.81 9.10 -10.67
N VAL A 14 9.11 9.74 -11.81
CA VAL A 14 8.10 9.96 -12.83
C VAL A 14 7.69 8.65 -13.47
N ASN A 15 8.66 7.82 -13.76
CA ASN A 15 8.37 6.57 -14.42
C ASN A 15 7.64 5.58 -13.49
N GLY A 16 7.15 5.99 -12.31
CA GLY A 16 6.48 5.07 -11.40
C GLY A 16 7.39 4.18 -10.58
N ARG A 17 8.70 4.37 -10.68
CA ARG A 17 9.68 3.52 -10.00
C ARG A 17 9.88 3.95 -8.55
N LEU A 18 10.14 2.97 -7.69
CA LEU A 18 10.43 3.20 -6.29
C LEU A 18 11.95 3.22 -6.10
N SER A 19 12.48 4.28 -5.51
CA SER A 19 13.91 4.35 -5.20
C SER A 19 14.16 4.45 -3.69
N LEU A 20 15.13 3.68 -3.21
CA LEU A 20 15.59 3.78 -1.83
C LEU A 20 16.72 4.78 -1.73
N ASP A 21 16.79 5.48 -0.60
CA ASP A 21 17.99 6.22 -0.28
C ASP A 21 19.10 5.24 0.11
N LEU A 22 20.02 4.98 -0.81
CA LEU A 22 21.13 4.05 -0.57
C LEU A 22 22.25 4.65 0.25
N SER A 23 22.14 5.91 0.68
CA SER A 23 23.20 6.53 1.47
C SER A 23 22.73 6.79 2.89
N GLY A 24 21.85 7.78 3.09
CA GLY A 24 21.52 8.19 4.44
C GLY A 24 20.75 7.12 5.19
N ALA A 25 19.69 6.61 4.57
CA ALA A 25 18.90 5.56 5.22
C ALA A 25 19.73 4.30 5.41
N HIS A 26 20.44 3.89 4.36
CA HIS A 26 21.33 2.74 4.47
C HIS A 26 22.31 2.90 5.62
N ASP A 27 22.87 4.09 5.78
CA ASP A 27 23.81 4.31 6.87
C ASP A 27 23.10 4.29 8.23
N CYS A 28 21.82 4.69 8.28
CA CYS A 28 21.08 4.65 9.53
C CYS A 28 21.02 3.25 10.10
N PHE A 29 20.74 2.26 9.24
CA PHE A 29 20.59 0.88 9.71
C PHE A 29 21.92 0.25 10.13
N LEU A 30 23.05 0.67 9.54
CA LEU A 30 24.32 -0.01 9.76
C LEU A 30 25.20 0.63 10.81
N ASN A 31 24.67 1.57 11.60
CA ASN A 31 25.43 2.19 12.67
C ASN A 31 25.90 1.14 13.68
N THR A 32 27.19 1.14 14.00
CA THR A 32 27.76 0.07 14.83
C THR A 32 27.30 0.12 16.28
N ARG A 33 26.66 1.21 16.71
CA ARG A 33 26.11 1.26 18.05
C ARG A 33 24.90 0.33 18.23
N TYR A 34 24.25 -0.07 17.13
CA TYR A 34 23.04 -0.87 17.28
C TYR A 34 22.76 -1.80 16.11
N SER A 35 23.70 -1.98 15.17
CA SER A 35 23.39 -2.75 13.98
C SER A 35 23.22 -4.23 14.27
N ASN A 36 23.70 -4.71 15.43
CA ASN A 36 23.56 -6.11 15.77
C ASN A 36 22.43 -6.36 16.77
N TYR A 37 21.66 -5.35 17.10
CA TYR A 37 20.50 -5.61 17.95
C TYR A 37 19.34 -6.16 17.12
N PRO A 38 18.51 -7.01 17.71
CA PRO A 38 17.25 -7.36 17.05
C PRO A 38 16.37 -6.13 16.87
N VAL A 39 15.62 -6.12 15.80
CA VAL A 39 14.85 -4.94 15.41
C VAL A 39 13.38 -5.22 15.53
N PHE A 40 12.63 -4.15 15.79
CA PHE A 40 11.19 -4.09 15.67
C PHE A 40 10.91 -2.95 14.72
N ILE A 41 10.05 -3.19 13.74
CA ILE A 41 9.82 -2.22 12.67
C ILE A 41 8.33 -1.95 12.64
N LEU A 42 7.95 -0.75 13.03
CA LEU A 42 6.55 -0.35 13.02
C LEU A 42 6.29 0.47 11.78
N CYS A 43 5.27 0.11 11.03
CA CYS A 43 4.92 0.82 9.79
C CYS A 43 3.44 1.18 9.87
N ILE A 44 3.10 2.33 9.35
CA ILE A 44 1.69 2.73 9.26
C ILE A 44 1.36 3.02 7.80
N ILE A 45 0.16 2.60 7.38
CA ILE A 45 -0.33 2.80 6.03
C ILE A 45 -1.82 3.06 6.14
N GLY A 46 -2.41 3.55 5.06
CA GLY A 46 -3.85 3.66 5.02
C GLY A 46 -4.23 4.94 4.32
N GLU A 47 -5.54 5.24 4.35
CA GLU A 47 -6.06 6.37 3.60
C GLU A 47 -5.42 7.68 4.06
N LYS A 48 -5.27 8.60 3.10
CA LYS A 48 -4.68 9.91 3.33
C LYS A 48 -5.47 10.71 4.37
N ARG A 49 -4.78 11.70 4.97
CA ARG A 49 -5.40 12.73 5.80
C ARG A 49 -6.20 12.14 6.96
N ARG A 50 -5.59 11.22 7.69
CA ARG A 50 -6.33 10.65 8.82
C ARG A 50 -5.43 10.44 10.03
N GLY A 51 -4.47 11.33 10.25
CA GLY A 51 -3.66 11.32 11.46
C GLY A 51 -2.68 10.16 11.59
N LYS A 52 -2.16 9.66 10.47
CA LYS A 52 -1.14 8.62 10.53
C LYS A 52 0.17 9.19 11.10
N SER A 53 0.66 10.27 10.50
CA SER A 53 1.88 10.87 11.00
C SER A 53 1.70 11.36 12.41
N PHE A 54 0.52 11.92 12.68
CA PHE A 54 0.17 12.41 14.01
C PHE A 54 0.28 11.29 15.02
N LEU A 55 -0.27 10.11 14.69
CA LEU A 55 -0.22 8.97 15.61
C LEU A 55 1.22 8.50 15.79
N MET A 56 2.00 8.46 14.71
CA MET A 56 3.37 7.97 14.86
C MET A 56 4.17 8.87 15.79
N ASN A 57 3.86 10.17 15.80
CA ASN A 57 4.50 11.11 16.73
C ASN A 57 4.14 10.85 18.19
N TYR A 58 2.90 10.42 18.46
CA TYR A 58 2.56 10.08 19.85
C TYR A 58 3.18 8.75 20.27
N ILE A 59 3.32 7.82 19.34
CA ILE A 59 4.07 6.60 19.61
C ILE A 59 5.53 6.94 19.92
N MET A 60 6.11 7.88 19.16
CA MET A 60 7.48 8.32 19.39
C MET A 60 7.68 8.86 20.81
N ARG A 61 6.72 9.64 21.30
CA ARG A 61 6.79 10.10 22.69
C ARG A 61 6.86 8.92 23.63
N ALA A 62 6.04 7.90 23.40
CA ALA A 62 6.01 6.77 24.33
C ALA A 62 7.30 5.97 24.26
N LEU A 63 7.87 5.84 23.05
CA LEU A 63 9.14 5.15 22.89
C LEU A 63 10.26 5.92 23.57
N ARG A 64 10.26 7.24 23.42
CA ARG A 64 11.29 8.08 24.05
C ARG A 64 11.15 8.06 25.57
N SER A 65 9.91 8.02 26.06
CA SER A 65 9.67 7.85 27.48
C SER A 65 10.22 6.51 27.97
N MET A 66 9.99 5.45 27.20
CA MET A 66 10.43 4.11 27.59
C MET A 66 11.95 3.98 27.50
N GLU A 67 12.54 4.59 26.48
CA GLU A 67 13.99 4.61 26.32
C GLU A 67 14.69 5.26 27.51
N MET A 68 14.07 6.24 28.15
CA MET A 68 14.68 7.00 29.23
C MET A 68 14.50 6.34 30.60
N ASP A 69 13.24 6.14 31.00
CA ASP A 69 12.90 5.77 32.37
C ASP A 69 12.32 4.37 32.49
N GLU A 70 12.22 3.63 31.37
CA GLU A 70 11.44 2.39 31.32
C GLU A 70 9.96 2.64 31.62
N GLU A 71 9.50 3.89 31.46
CA GLU A 71 8.19 4.34 31.90
C GLU A 71 7.36 4.82 30.71
N ILE A 72 6.06 4.60 30.78
CA ILE A 72 5.17 4.90 29.66
C ILE A 72 4.50 6.25 29.90
N SER A 73 4.66 7.15 28.94
CA SER A 73 4.06 8.47 29.02
C SER A 73 3.78 8.96 27.60
N LEU A 74 2.81 9.86 27.48
CA LEU A 74 2.58 10.56 26.21
C LEU A 74 2.97 12.01 26.28
N GLY A 75 3.66 12.44 27.34
CA GLY A 75 4.12 13.79 27.51
C GLY A 75 3.22 14.61 28.42
N ALA A 76 3.62 15.87 28.59
CA ALA A 76 2.82 16.83 29.32
C ALA A 76 1.64 17.31 28.49
N ASP A 77 0.56 17.72 29.17
CA ASP A 77 -0.67 18.11 28.47
C ASP A 77 -0.50 19.27 27.52
N ASP A 78 0.51 20.12 27.72
CA ASP A 78 0.68 21.29 26.87
C ASP A 78 1.82 21.16 25.86
N GLU A 79 2.49 20.01 25.80
CA GLU A 79 3.51 19.79 24.78
C GLU A 79 2.94 19.76 23.37
N PRO A 80 3.32 20.69 22.48
CA PRO A 80 2.94 20.57 21.07
C PRO A 80 3.56 19.33 20.42
N LEU A 81 2.90 18.86 19.37
CA LEU A 81 3.27 17.60 18.77
C LEU A 81 4.30 17.82 17.66
N LYS A 82 5.43 17.12 17.77
CA LYS A 82 6.54 17.22 16.84
C LYS A 82 6.93 15.82 16.38
N GLY A 83 7.67 15.78 15.28
CA GLY A 83 8.24 14.54 14.79
C GLY A 83 8.13 14.42 13.29
N PHE A 84 7.46 13.38 12.83
CA PHE A 84 7.08 13.33 11.43
C PHE A 84 6.15 14.47 11.10
N LYS A 85 6.34 15.05 9.93
CA LYS A 85 5.56 16.21 9.54
C LYS A 85 4.08 15.84 9.40
N TRP A 86 3.23 16.60 10.08
CA TRP A 86 1.80 16.35 10.14
C TRP A 86 1.08 17.70 9.98
N SER A 87 -0.11 17.70 9.36
CA SER A 87 -0.68 18.99 8.99
C SER A 87 -2.18 18.85 8.78
N PRO A 88 -2.96 19.87 9.09
CA PRO A 88 -4.41 19.78 8.94
C PRO A 88 -4.88 20.06 7.52
N GLY A 89 -6.12 19.68 7.24
CA GLY A 89 -6.76 20.08 6.02
C GLY A 89 -6.68 19.00 4.94
N THR A 90 -7.00 19.44 3.74
CA THR A 90 -7.19 18.52 2.63
C THR A 90 -5.94 18.28 1.80
N GLU A 91 -4.86 19.04 2.02
CA GLU A 91 -3.68 18.87 1.18
C GLU A 91 -2.81 17.77 1.78
N THR A 92 -2.29 16.88 0.95
CA THR A 92 -1.53 15.78 1.54
C THR A 92 -0.12 16.25 1.92
N THR A 93 0.46 15.55 2.90
CA THR A 93 1.73 15.97 3.48
C THR A 93 2.80 14.90 3.31
N THR A 94 2.63 13.71 3.88
CA THR A 94 3.60 12.64 3.65
C THR A 94 3.56 12.14 2.22
N LYS A 95 4.73 12.15 1.57
CA LYS A 95 4.94 11.51 0.28
C LYS A 95 6.04 10.47 0.43
N GLY A 96 5.90 9.34 -0.27
CA GLY A 96 6.90 8.30 -0.17
C GLY A 96 6.81 7.60 1.17
N ILE A 97 7.95 7.10 1.64
CA ILE A 97 8.04 6.52 2.97
C ILE A 97 9.14 7.24 3.70
N TRP A 98 8.86 7.62 4.94
CA TRP A 98 9.83 8.28 5.79
C TRP A 98 10.11 7.37 6.97
N MET A 99 11.33 7.46 7.52
CA MET A 99 11.65 6.83 8.78
C MET A 99 12.23 7.89 9.71
N TRP A 100 12.15 7.62 11.01
CA TRP A 100 12.96 8.39 11.94
C TRP A 100 14.42 7.99 11.76
N ASN A 101 15.33 8.95 11.74
CA ASN A 101 16.68 8.58 11.35
C ASN A 101 17.52 8.06 12.51
N ARG A 102 16.90 7.66 13.61
CA ARG A 102 17.61 6.88 14.62
C ARG A 102 16.60 5.89 15.20
N PRO A 103 17.04 4.70 15.58
CA PRO A 103 16.16 3.81 16.33
C PRO A 103 15.98 4.34 17.74
N PHE A 104 14.91 3.87 18.37
CA PHE A 104 14.75 3.99 19.81
C PHE A 104 15.13 2.66 20.44
N LEU A 105 15.97 2.71 21.47
CA LEU A 105 16.61 1.50 22.00
C LEU A 105 15.94 1.12 23.32
N LEU A 106 15.18 0.03 23.30
CA LEU A 106 14.42 -0.42 24.46
C LEU A 106 15.12 -1.60 25.13
N ASN A 107 15.01 -1.65 26.46
CA ASN A 107 15.59 -2.77 27.20
C ASN A 107 14.81 -4.05 26.93
N HIS A 108 15.53 -5.15 26.79
CA HIS A 108 14.88 -6.43 26.53
C HIS A 108 15.84 -7.53 26.92
N LYS A 109 15.49 -8.28 27.97
CA LYS A 109 16.22 -9.50 28.33
C LYS A 109 17.72 -9.24 28.44
N GLY A 110 18.07 -8.18 29.18
CA GLY A 110 19.47 -7.85 29.33
C GLY A 110 20.19 -7.40 28.09
N GLY A 111 19.46 -7.15 27.00
CA GLY A 111 19.98 -6.51 25.81
C GLY A 111 19.10 -5.33 25.41
N LYS A 112 19.11 -5.02 24.12
CA LYS A 112 18.28 -3.95 23.60
C LYS A 112 17.51 -4.45 22.39
N ILE A 113 16.42 -3.77 22.09
CA ILE A 113 15.71 -3.89 20.82
C ILE A 113 15.81 -2.52 20.16
N ALA A 114 16.19 -2.51 18.89
CA ALA A 114 16.18 -1.28 18.10
C ALA A 114 14.84 -1.14 17.41
N VAL A 115 14.13 -0.07 17.72
CA VAL A 115 12.77 0.17 17.23
C VAL A 115 12.87 1.21 16.13
N PHE A 116 12.40 0.84 14.94
CA PHE A 116 12.38 1.73 13.78
C PHE A 116 10.93 2.06 13.43
N LEU A 117 10.69 3.29 12.98
CA LEU A 117 9.36 3.78 12.68
C LEU A 117 9.31 4.24 11.22
N LEU A 118 8.34 3.70 10.46
CA LEU A 118 8.16 4.03 9.05
C LEU A 118 6.78 4.62 8.84
N ASP A 119 6.73 5.78 8.18
CA ASP A 119 5.53 6.59 8.01
C ASP A 119 5.26 6.68 6.51
N THR A 120 4.08 6.24 6.07
CA THR A 120 3.83 6.08 4.64
C THR A 120 2.80 7.10 4.16
N GLU A 121 3.03 7.60 2.93
CA GLU A 121 2.02 8.34 2.17
C GLU A 121 0.66 7.63 2.16
N GLY A 122 -0.39 8.37 2.46
CA GLY A 122 -1.73 7.78 2.48
C GLY A 122 -2.28 7.54 1.09
N SER A 123 -3.18 6.55 1.00
CA SER A 123 -3.84 6.25 -0.27
C SER A 123 -4.97 7.24 -0.56
N LEU A 124 -5.51 7.13 -1.78
CA LEU A 124 -6.71 7.79 -2.31
C LEU A 124 -6.47 9.23 -2.71
N ASP A 125 -5.22 9.66 -2.85
CA ASP A 125 -4.87 11.00 -3.31
C ASP A 125 -4.81 10.97 -4.84
N ILE A 126 -5.58 11.83 -5.50
CA ILE A 126 -5.64 11.72 -6.96
C ILE A 126 -4.45 12.34 -7.67
N GLU A 127 -3.63 13.11 -6.98
CA GLU A 127 -2.42 13.63 -7.60
C GLU A 127 -1.27 12.64 -7.56
N SER A 128 -1.50 11.46 -7.01
CA SER A 128 -0.50 10.41 -6.93
C SER A 128 -1.03 9.22 -7.73
N ASP A 129 -0.16 8.59 -8.51
CA ASP A 129 -0.58 7.39 -9.25
C ASP A 129 -0.92 6.28 -8.26
N ARG A 130 -2.13 5.74 -8.36
CA ARG A 130 -2.58 4.83 -7.30
C ARG A 130 -1.73 3.57 -7.24
N GLU A 131 -1.16 3.13 -8.36
CA GLU A 131 -0.31 1.95 -8.29
C GLU A 131 0.96 2.25 -7.50
N THR A 132 1.48 3.45 -7.67
CA THR A 132 2.68 3.87 -6.94
C THR A 132 2.45 3.83 -5.43
N CYS A 133 1.34 4.38 -4.95
CA CYS A 133 1.04 4.29 -3.52
C CYS A 133 0.75 2.87 -3.08
N ILE A 134 0.19 2.04 -3.97
CA ILE A 134 -0.02 0.64 -3.62
C ILE A 134 1.32 -0.05 -3.37
N LYS A 135 2.31 0.23 -4.22
CA LYS A 135 3.62 -0.38 -4.08
C LYS A 135 4.30 0.10 -2.80
N LEU A 136 4.19 1.40 -2.50
CA LEU A 136 4.73 1.94 -1.26
C LEU A 136 4.10 1.25 -0.05
N SER A 137 2.77 1.07 -0.06
CA SER A 137 2.10 0.47 1.09
C SER A 137 2.50 -0.99 1.24
N ALA A 138 2.66 -1.69 0.10
CA ALA A 138 3.08 -3.08 0.17
C ALA A 138 4.50 -3.22 0.65
N LEU A 139 5.36 -2.28 0.31
CA LEU A 139 6.73 -2.32 0.82
C LEU A 139 6.74 -2.13 2.33
N SER A 140 5.95 -1.18 2.83
CA SER A 140 5.80 -1.01 4.26
C SER A 140 5.24 -2.28 4.90
N LEU A 141 4.22 -2.88 4.29
CA LEU A 141 3.68 -4.12 4.83
C LEU A 141 4.75 -5.20 4.88
N PHE A 142 5.51 -5.36 3.79
CA PHE A 142 6.53 -6.40 3.71
C PHE A 142 7.55 -6.25 4.83
N ILE A 143 8.07 -5.04 5.03
CA ILE A 143 9.17 -4.85 5.97
C ILE A 143 8.74 -4.83 7.44
N SER A 144 7.46 -4.57 7.72
CA SER A 144 6.98 -4.38 9.07
C SER A 144 7.20 -5.63 9.92
N SER A 145 7.40 -5.44 11.23
CA SER A 145 7.06 -6.50 12.17
C SER A 145 5.82 -6.16 12.97
N HIS A 146 5.33 -4.91 12.85
CA HIS A 146 4.05 -4.48 13.41
C HIS A 146 3.51 -3.47 12.42
N LEU A 147 2.43 -3.81 11.74
CA LEU A 147 1.84 -2.95 10.74
C LEU A 147 0.56 -2.35 11.29
N ILE A 148 0.44 -1.04 11.21
CA ILE A 148 -0.79 -0.34 11.54
C ILE A 148 -1.51 0.00 10.24
N PHE A 149 -2.68 -0.59 10.04
CA PHE A 149 -3.55 -0.24 8.93
C PHE A 149 -4.56 0.76 9.49
N ASN A 150 -4.31 2.03 9.21
CA ASN A 150 -5.11 3.14 9.74
C ASN A 150 -6.37 3.30 8.89
N VAL A 151 -7.54 3.13 9.47
CA VAL A 151 -8.80 3.06 8.73
C VAL A 151 -9.70 4.21 9.17
N ALA A 152 -10.29 4.92 8.20
CA ALA A 152 -11.24 5.99 8.54
C ALA A 152 -12.63 5.41 8.77
N SER A 153 -13.13 5.57 10.02
CA SER A 153 -14.51 5.34 10.44
C SER A 153 -14.89 3.88 10.59
N ASN A 154 -14.62 3.07 9.59
CA ASN A 154 -15.05 1.68 9.61
C ASN A 154 -14.46 0.97 8.40
N LEU A 155 -14.39 -0.35 8.49
CA LEU A 155 -13.99 -1.16 7.35
C LEU A 155 -15.09 -1.08 6.29
N LYS A 156 -14.70 -0.76 5.06
CA LYS A 156 -15.60 -0.63 3.94
C LYS A 156 -14.97 -1.32 2.75
N GLU A 157 -15.72 -1.34 1.66
CA GLU A 157 -15.19 -1.88 0.40
C GLU A 157 -13.79 -1.36 0.10
N THR A 158 -13.56 -0.05 0.25
CA THR A 158 -12.26 0.51 -0.15
C THR A 158 -11.11 -0.10 0.62
N GLU A 159 -11.24 -0.20 1.94
CA GLU A 159 -10.14 -0.74 2.74
C GLU A 159 -9.89 -2.20 2.42
N LEU A 160 -10.96 -2.98 2.25
CA LEU A 160 -10.78 -4.39 1.91
C LEU A 160 -10.19 -4.54 0.52
N ASP A 161 -10.68 -3.74 -0.46
CA ASP A 161 -10.09 -3.71 -1.80
C ASP A 161 -8.59 -3.48 -1.74
N TYR A 162 -8.16 -2.46 -0.96
CA TYR A 162 -6.76 -2.07 -0.97
C TYR A 162 -5.91 -3.07 -0.21
N MET A 163 -6.36 -3.55 0.95
CA MET A 163 -5.51 -4.50 1.64
C MET A 163 -5.40 -5.82 0.88
N GLU A 164 -6.46 -6.22 0.16
CA GLU A 164 -6.33 -7.40 -0.70
C GLU A 164 -5.29 -7.15 -1.77
N MET A 165 -5.24 -5.94 -2.31
CA MET A 165 -4.22 -5.63 -3.30
C MET A 165 -2.83 -5.70 -2.68
N TYR A 166 -2.65 -5.05 -1.52
CA TYR A 166 -1.36 -5.08 -0.85
C TYR A 166 -0.89 -6.51 -0.64
N MET A 167 -1.78 -7.39 -0.15
CA MET A 167 -1.31 -8.74 0.14
C MET A 167 -1.16 -9.60 -1.11
N ASN A 168 -1.42 -9.06 -2.30
CA ASN A 168 -1.14 -9.78 -3.54
C ASN A 168 0.09 -9.27 -4.27
N MET A 169 0.87 -8.40 -3.63
CA MET A 169 2.03 -7.78 -4.27
C MET A 169 3.26 -8.69 -4.22
N GLY A 170 3.09 -9.97 -4.47
CA GLY A 170 4.16 -10.95 -4.34
C GLY A 170 3.93 -11.84 -3.12
N GLU A 171 4.46 -13.06 -3.19
CA GLU A 171 4.24 -13.99 -2.07
C GLU A 171 4.71 -13.41 -0.75
N GLU A 172 5.69 -12.51 -0.80
CA GLU A 172 6.22 -11.88 0.41
C GLU A 172 5.14 -11.12 1.18
N CYS A 173 4.11 -10.63 0.50
CA CYS A 173 3.12 -9.77 1.14
C CYS A 173 1.87 -10.52 1.55
N GLY A 174 1.84 -11.84 1.38
CA GLY A 174 0.68 -12.62 1.77
C GLY A 174 0.45 -12.60 3.28
N PRO A 175 -0.80 -12.84 3.69
CA PRO A 175 -1.14 -12.72 5.12
C PRO A 175 -0.37 -13.64 6.03
N LYS A 176 0.03 -14.81 5.57
CA LYS A 176 0.77 -15.72 6.44
C LYS A 176 2.12 -15.14 6.81
N ASN A 177 2.71 -14.32 5.92
CA ASN A 177 4.02 -13.75 6.17
C ASN A 177 3.97 -12.40 6.90
N LEU A 178 2.77 -11.91 7.23
CA LEU A 178 2.61 -10.62 7.91
C LEU A 178 2.64 -10.86 9.41
N GLN A 179 3.73 -10.45 10.06
CA GLN A 179 3.97 -10.86 11.44
C GLN A 179 2.87 -10.41 12.38
N HIS A 180 2.53 -9.13 12.33
CA HIS A 180 1.50 -8.58 13.20
C HIS A 180 0.78 -7.45 12.48
N LEU A 181 -0.55 -7.46 12.55
CA LEU A 181 -1.36 -6.42 11.92
C LEU A 181 -2.35 -5.85 12.92
N ASP A 182 -2.32 -4.52 13.09
CA ASP A 182 -3.35 -3.77 13.79
C ASP A 182 -4.25 -3.12 12.77
N ILE A 183 -5.53 -3.43 12.79
CA ILE A 183 -6.51 -2.63 12.05
C ILE A 183 -7.01 -1.56 13.01
N LEU A 184 -6.51 -0.33 12.83
CA LEU A 184 -6.79 0.79 13.72
C LEU A 184 -7.87 1.65 13.09
N VAL A 185 -9.07 1.63 13.66
CA VAL A 185 -10.20 2.38 13.13
C VAL A 185 -10.25 3.72 13.84
N ARG A 186 -9.96 4.78 13.11
CA ARG A 186 -10.03 6.15 13.59
C ARG A 186 -11.44 6.70 13.44
N ASP A 187 -11.77 7.71 14.26
CA ASP A 187 -13.08 8.37 14.21
C ASP A 187 -14.24 7.38 14.37
N TRP A 188 -14.02 6.37 15.21
CA TRP A 188 -15.05 5.40 15.56
C TRP A 188 -16.30 6.11 16.10
N TYR A 189 -17.49 5.65 15.64
CA TYR A 189 -18.73 6.38 15.89
C TYR A 189 -19.07 6.50 17.37
N HIS A 190 -18.68 5.53 18.19
CA HIS A 190 -19.10 5.48 19.60
C HIS A 190 -17.95 5.94 20.51
N SER A 191 -18.12 7.10 21.13
CA SER A 191 -17.09 7.64 21.99
C SER A 191 -16.95 6.88 23.30
N LYS A 192 -17.92 6.04 23.67
CA LYS A 192 -17.83 5.32 24.94
C LYS A 192 -17.58 3.83 24.78
N LYS A 193 -18.00 3.22 23.68
CA LYS A 193 -17.90 1.78 23.50
C LYS A 193 -16.89 1.51 22.38
N TRP A 194 -15.62 1.38 22.76
CA TRP A 194 -14.55 1.20 21.80
C TRP A 194 -13.51 0.20 22.29
N ASP A 195 -13.80 -0.55 23.35
CA ASP A 195 -12.80 -1.36 24.03
C ASP A 195 -12.47 -2.63 23.24
N ARG A 196 -11.51 -3.40 23.79
CA ARG A 196 -11.01 -4.60 23.14
C ARG A 196 -12.13 -5.56 22.80
N ASP A 197 -13.14 -5.64 23.66
CA ASP A 197 -14.22 -6.58 23.44
C ASP A 197 -15.17 -6.09 22.32
N VAL A 198 -15.38 -4.77 22.24
CA VAL A 198 -16.13 -4.24 21.09
C VAL A 198 -15.42 -4.53 19.79
N ALA A 199 -14.10 -4.36 19.77
CA ALA A 199 -13.33 -4.57 18.54
C ALA A 199 -13.33 -6.02 18.09
N ARG A 200 -13.24 -6.98 19.03
CA ARG A 200 -13.35 -8.39 18.66
C ARG A 200 -14.72 -8.69 18.05
N SER A 201 -15.77 -8.21 18.72
CA SER A 201 -17.12 -8.39 18.20
C SER A 201 -17.27 -7.80 16.81
N TYR A 202 -16.70 -6.61 16.58
CA TYR A 202 -16.78 -5.97 15.28
C TYR A 202 -16.08 -6.79 14.20
N ILE A 203 -14.89 -7.33 14.52
CA ILE A 203 -14.17 -8.14 13.54
C ILE A 203 -14.89 -9.44 13.28
N SER A 204 -15.44 -10.06 14.32
CA SER A 204 -16.19 -11.30 14.14
C SER A 204 -17.35 -11.08 13.17
N ARG A 205 -18.04 -9.95 13.32
CA ARG A 205 -19.12 -9.61 12.41
C ARG A 205 -18.60 -9.39 10.99
N GLU A 206 -17.43 -8.74 10.85
CA GLU A 206 -16.88 -8.54 9.50
C GLU A 206 -16.55 -9.88 8.85
N ILE A 207 -15.98 -10.80 9.63
CA ILE A 207 -15.68 -12.13 9.12
C ILE A 207 -16.95 -12.80 8.60
N GLU A 208 -18.06 -12.67 9.33
CA GLU A 208 -19.33 -13.19 8.80
C GLU A 208 -19.63 -12.62 7.44
N LYS A 209 -19.47 -11.31 7.27
CA LYS A 209 -19.73 -10.70 5.97
C LYS A 209 -18.78 -11.24 4.90
N LEU A 210 -17.49 -11.40 5.26
CA LEU A 210 -16.51 -11.82 4.27
C LEU A 210 -16.68 -13.28 3.87
N GLU A 211 -17.18 -14.10 4.79
CA GLU A 211 -17.39 -15.51 4.51
C GLU A 211 -18.36 -15.72 3.36
N LYS A 212 -19.22 -14.74 3.12
CA LYS A 212 -20.22 -14.80 2.07
C LYS A 212 -19.67 -14.36 0.72
N LEU A 213 -18.48 -13.79 0.71
CA LEU A 213 -17.93 -13.18 -0.50
C LEU A 213 -16.82 -14.03 -1.08
N ASN A 214 -16.46 -13.70 -2.32
CA ASN A 214 -15.31 -14.27 -2.99
C ASN A 214 -14.14 -13.32 -3.02
N SER A 215 -14.36 -12.06 -2.62
CA SER A 215 -13.47 -11.00 -3.07
C SER A 215 -12.19 -10.91 -2.26
N TYR A 216 -12.20 -11.34 -1.00
CA TYR A 216 -11.12 -10.98 -0.08
C TYR A 216 -10.59 -12.21 0.68
N PRO A 217 -10.16 -13.24 -0.04
CA PRO A 217 -9.64 -14.42 0.66
C PRO A 217 -8.43 -14.11 1.54
N LYS A 218 -7.53 -13.24 1.09
CA LYS A 218 -6.32 -12.95 1.86
C LYS A 218 -6.62 -12.13 3.11
N VAL A 219 -7.49 -11.13 3.00
CA VAL A 219 -7.91 -10.40 4.19
C VAL A 219 -8.65 -11.32 5.14
N LEU A 220 -9.53 -12.16 4.61
CA LEU A 220 -10.27 -13.10 5.44
C LEU A 220 -9.32 -14.00 6.22
N TRP A 221 -8.30 -14.53 5.55
CA TRP A 221 -7.28 -15.34 6.24
C TRP A 221 -6.68 -14.58 7.41
N SER A 222 -6.22 -13.37 7.13
CA SER A 222 -5.60 -12.51 8.12
C SER A 222 -6.53 -12.25 9.31
N LEU A 223 -7.79 -11.91 9.03
CA LEU A 223 -8.71 -11.58 10.12
C LEU A 223 -9.01 -12.78 10.99
N LYS A 224 -8.96 -13.99 10.42
CA LYS A 224 -9.23 -15.19 11.18
C LYS A 224 -8.01 -15.67 11.94
N SER A 225 -6.84 -15.13 11.62
CA SER A 225 -5.59 -15.61 12.21
C SER A 225 -5.35 -15.02 13.60
N ASN A 226 -4.35 -15.57 14.28
CA ASN A 226 -3.93 -15.00 15.55
C ASN A 226 -2.91 -13.88 15.38
N GLN A 227 -2.67 -13.42 14.15
CA GLN A 227 -1.69 -12.37 13.86
C GLN A 227 -2.32 -11.02 13.55
N THR A 228 -3.63 -10.85 13.78
CA THR A 228 -4.32 -9.62 13.41
C THR A 228 -5.30 -9.24 14.51
N ARG A 229 -5.25 -7.96 14.91
CA ARG A 229 -6.14 -7.43 15.94
C ARG A 229 -6.71 -6.11 15.47
N CYS A 230 -7.80 -5.69 16.10
CA CYS A 230 -8.47 -4.46 15.74
C CYS A 230 -8.55 -3.57 16.98
N PHE A 231 -8.27 -2.29 16.79
CA PHE A 231 -8.40 -1.32 17.85
C PHE A 231 -9.20 -0.15 17.33
N LEU A 232 -9.94 0.50 18.24
CA LEU A 232 -10.90 1.53 17.87
C LEU A 232 -10.58 2.83 18.60
N LEU A 233 -10.46 3.93 17.88
CA LEU A 233 -10.25 5.24 18.51
C LEU A 233 -11.44 6.13 18.20
N PRO A 234 -12.14 6.70 19.18
CA PRO A 234 -13.18 7.68 18.86
C PRO A 234 -12.57 8.92 18.18
N HIS A 235 -13.46 9.78 17.70
CA HIS A 235 -13.06 11.01 17.03
C HIS A 235 -12.34 11.96 17.99
N PRO A 236 -11.25 12.60 17.56
CA PRO A 236 -10.45 13.45 18.48
C PRO A 236 -11.06 14.81 18.74
N GLY A 237 -12.04 15.24 17.95
CA GLY A 237 -12.72 16.49 18.22
C GLY A 237 -12.09 17.64 17.46
N LYS A 238 -12.80 18.77 17.45
CA LYS A 238 -12.41 19.86 16.57
C LYS A 238 -11.16 20.58 17.03
N GLY A 239 -10.71 20.38 18.27
CA GLY A 239 -9.44 20.92 18.74
C GLY A 239 -8.22 20.19 18.20
N ILE A 240 -8.43 19.06 17.54
CA ILE A 240 -7.36 18.34 16.88
C ILE A 240 -7.46 18.43 15.36
N THR A 241 -8.67 18.52 14.78
CA THR A 241 -8.76 18.47 13.32
C THR A 241 -8.59 19.84 12.66
N GLY A 242 -8.77 20.91 13.39
CA GLY A 242 -8.56 22.25 12.86
C GLY A 242 -7.14 22.70 13.09
N GLU A 243 -6.94 24.02 13.10
CA GLU A 243 -5.65 24.56 13.45
C GLU A 243 -5.31 24.14 14.88
N SER A 244 -4.24 23.37 15.03
CA SER A 244 -3.98 22.69 16.28
C SER A 244 -2.48 22.58 16.49
N GLU A 245 -2.07 22.64 17.75
CA GLU A 245 -0.72 22.25 18.09
C GLU A 245 -0.60 20.76 18.34
N GLY A 246 -1.73 20.04 18.32
CA GLY A 246 -1.68 18.61 18.52
C GLY A 246 -1.44 18.18 19.94
N ARG A 247 -1.69 19.07 20.91
CA ARG A 247 -1.41 18.81 22.31
C ARG A 247 -2.43 17.88 22.94
N LEU A 248 -2.01 17.14 23.97
CA LEU A 248 -2.95 16.29 24.69
C LEU A 248 -4.14 17.10 25.19
N GLN A 249 -3.92 18.35 25.61
CA GLN A 249 -5.05 19.14 26.09
C GLN A 249 -6.04 19.51 25.00
N ASP A 250 -5.65 19.43 23.72
CA ASP A 250 -6.54 19.72 22.59
C ASP A 250 -7.47 18.56 22.25
N MET A 251 -7.23 17.41 22.87
CA MET A 251 -7.89 16.15 22.55
C MET A 251 -9.24 16.05 23.23
N ASP A 252 -10.21 15.52 22.51
CA ASP A 252 -11.41 15.03 23.16
C ASP A 252 -11.03 13.95 24.17
N GLU A 253 -11.71 13.93 25.31
CA GLU A 253 -11.23 13.10 26.41
C GLU A 253 -11.36 11.61 26.12
N ASP A 254 -12.37 11.21 25.33
CA ASP A 254 -12.48 9.78 25.02
C ASP A 254 -11.44 9.36 24.00
N PHE A 255 -11.13 10.23 23.05
CA PHE A 255 -10.01 9.98 22.15
C PHE A 255 -8.71 9.82 22.94
N GLN A 256 -8.43 10.74 23.86
CA GLN A 256 -7.18 10.65 24.61
C GLN A 256 -7.14 9.35 25.41
N GLU A 257 -8.29 8.93 25.92
CA GLU A 257 -8.32 7.70 26.71
C GLU A 257 -8.00 6.49 25.83
N SER A 258 -8.60 6.42 24.64
CA SER A 258 -8.29 5.28 23.79
C SER A 258 -6.88 5.37 23.24
N LEU A 259 -6.39 6.60 22.98
CA LEU A 259 -5.05 6.76 22.44
C LEU A 259 -4.01 6.27 23.43
N ARG A 260 -4.15 6.68 24.70
CA ARG A 260 -3.21 6.24 25.72
C ARG A 260 -3.19 4.72 25.80
N SER A 261 -4.38 4.11 25.78
CA SER A 261 -4.49 2.65 25.88
C SER A 261 -3.85 2.00 24.67
N TYR A 262 -4.13 2.52 23.48
CA TYR A 262 -3.61 1.89 22.27
C TYR A 262 -2.08 2.04 22.20
N VAL A 263 -1.57 3.25 22.43
CA VAL A 263 -0.13 3.45 22.34
C VAL A 263 0.60 2.58 23.36
N SER A 264 0.03 2.45 24.55
CA SER A 264 0.66 1.62 25.57
C SER A 264 0.70 0.15 25.15
N LYS A 265 -0.36 -0.33 24.49
CA LYS A 265 -0.38 -1.72 24.01
C LYS A 265 0.65 -1.94 22.92
N VAL A 266 0.80 -0.99 22.01
CA VAL A 266 1.81 -1.10 20.95
C VAL A 266 3.19 -1.26 21.59
N VAL A 267 3.53 -0.35 22.49
CA VAL A 267 4.89 -0.34 23.05
C VAL A 267 5.14 -1.59 23.87
N LYS A 268 4.13 -2.05 24.62
CA LYS A 268 4.34 -3.23 25.46
C LYS A 268 4.43 -4.51 24.64
N GLY A 269 3.85 -4.56 23.44
CA GLY A 269 3.99 -5.72 22.60
C GLY A 269 5.30 -5.82 21.83
N ILE A 270 6.13 -4.79 21.88
CA ILE A 270 7.34 -4.75 21.04
C ILE A 270 8.18 -6.01 21.23
N CYS A 271 8.36 -6.45 22.48
CA CYS A 271 9.20 -7.62 22.71
C CYS A 271 8.61 -8.89 22.10
N THR A 272 7.32 -8.91 21.78
CA THR A 272 6.74 -10.10 21.17
C THR A 272 6.72 -10.04 19.64
N HIS A 273 7.10 -8.90 19.06
CA HIS A 273 7.10 -8.75 17.60
C HIS A 273 8.47 -8.38 17.05
N ILE A 274 9.53 -9.05 17.50
CA ILE A 274 10.83 -8.86 16.87
C ILE A 274 10.77 -9.33 15.43
N LYS A 275 11.33 -8.53 14.52
CA LYS A 275 11.27 -8.82 13.09
C LYS A 275 12.02 -10.10 12.76
N THR A 276 11.44 -10.91 11.88
CA THR A 276 12.05 -12.19 11.53
C THR A 276 12.33 -12.29 10.03
N ASN A 277 13.39 -13.05 9.69
CA ASN A 277 13.77 -13.23 8.29
C ASN A 277 12.90 -14.33 7.68
N ILE A 278 13.23 -14.75 6.45
CA ILE A 278 12.48 -15.81 5.78
C ILE A 278 12.43 -17.06 6.65
N ASP A 279 13.56 -17.44 7.26
CA ASP A 279 13.65 -18.68 8.02
C ASP A 279 13.13 -18.57 9.44
N GLY A 280 12.68 -17.39 9.86
CA GLY A 280 12.16 -17.22 11.21
C GLY A 280 13.18 -16.88 12.26
N GLU A 281 14.42 -16.58 11.88
CA GLU A 281 15.42 -16.11 12.83
C GLU A 281 15.22 -14.62 13.09
N LEU A 282 15.62 -14.17 14.28
CA LEU A 282 15.56 -12.74 14.57
C LEU A 282 16.41 -11.97 13.58
N LEU A 283 15.86 -10.88 13.06
CA LEU A 283 16.55 -10.04 12.09
C LEU A 283 17.21 -8.88 12.86
N THR A 284 18.44 -8.55 12.49
CA THR A 284 19.07 -7.39 13.11
C THR A 284 18.97 -6.19 12.19
N SER A 285 19.35 -5.04 12.73
CA SER A 285 19.34 -3.78 11.97
C SER A 285 20.12 -3.92 10.68
N ALA A 286 21.27 -4.58 10.75
CA ALA A 286 22.24 -4.66 9.68
C ALA A 286 21.75 -5.43 8.48
N HIS A 287 20.57 -6.04 8.55
CA HIS A 287 20.05 -6.83 7.46
C HIS A 287 18.70 -6.32 6.98
N VAL A 288 18.14 -5.30 7.64
CA VAL A 288 16.88 -4.71 7.18
C VAL A 288 17.05 -4.10 5.80
N PHE A 289 18.15 -3.38 5.58
CA PHE A 289 18.26 -2.64 4.33
C PHE A 289 18.38 -3.57 3.14
N SER A 290 19.19 -4.62 3.28
CA SER A 290 19.23 -5.69 2.28
C SER A 290 17.83 -6.14 1.92
N MET A 291 16.99 -6.45 2.91
CA MET A 291 15.62 -6.89 2.62
C MET A 291 14.83 -5.82 1.88
N LEU A 292 14.92 -4.57 2.34
CA LEU A 292 14.26 -3.47 1.66
C LEU A 292 14.66 -3.42 0.19
N GLN A 293 15.97 -3.50 -0.06
CA GLN A 293 16.50 -3.42 -1.43
C GLN A 293 15.93 -4.51 -2.32
N GLU A 294 16.03 -5.77 -1.88
CA GLU A 294 15.59 -6.88 -2.72
C GLU A 294 14.09 -6.78 -3.04
N PHE A 295 13.28 -6.40 -2.06
CA PHE A 295 11.86 -6.40 -2.35
C PHE A 295 11.44 -5.18 -3.15
N THR A 296 12.14 -4.05 -3.00
CA THR A 296 11.91 -2.92 -3.88
C THR A 296 12.18 -3.28 -5.34
N GLU A 297 13.23 -4.05 -5.59
CA GLU A 297 13.49 -4.49 -6.95
C GLU A 297 12.39 -5.43 -7.42
N VAL A 298 11.84 -6.28 -6.54
CA VAL A 298 10.69 -7.09 -6.92
C VAL A 298 9.51 -6.20 -7.33
N LEU A 299 9.21 -5.17 -6.52
CA LEU A 299 8.05 -4.33 -6.80
C LEU A 299 8.21 -3.52 -8.09
N ASN A 300 9.42 -3.10 -8.40
CA ASN A 300 9.69 -2.34 -9.62
C ASN A 300 9.67 -3.22 -10.88
N LEU A 301 9.68 -4.54 -10.74
CA LEU A 301 9.64 -5.41 -11.93
C LEU A 301 8.26 -5.55 -12.55
N GLN A 302 7.19 -5.38 -11.81
CA GLN A 302 5.89 -5.74 -12.32
C GLN A 302 5.07 -4.46 -12.42
N ILE A 303 4.41 -4.23 -13.54
CA ILE A 303 3.52 -3.09 -13.72
C ILE A 303 2.10 -3.62 -13.85
N TYR A 304 1.22 -3.21 -12.94
CA TYR A 304 -0.10 -3.81 -12.86
C TYR A 304 -1.14 -3.10 -13.71
N GLY A 305 -1.05 -1.79 -13.86
CA GLY A 305 -2.09 -1.07 -14.57
C GLY A 305 -3.32 -0.74 -13.75
N PHE A 306 -3.21 -0.78 -12.42
CA PHE A 306 -4.33 -0.32 -11.58
C PHE A 306 -4.73 1.08 -11.99
N SER A 307 -6.03 1.28 -12.08
CA SER A 307 -6.57 2.60 -12.47
C SER A 307 -7.99 2.73 -11.95
N SER A 308 -8.71 3.75 -12.43
CA SER A 308 -10.12 3.96 -12.04
C SER A 308 -10.96 2.76 -12.47
N PRO A 309 -12.03 2.44 -11.73
CA PRO A 309 -12.91 1.33 -12.09
C PRO A 309 -13.50 1.47 -13.50
N MET A 310 -13.85 2.68 -13.91
CA MET A 310 -14.40 2.89 -15.28
C MET A 310 -13.30 2.65 -16.33
N GLU A 311 -12.08 3.09 -16.04
CA GLU A 311 -10.95 2.87 -16.96
C GLU A 311 -10.64 1.37 -17.03
N MET A 312 -10.61 0.68 -15.89
CA MET A 312 -10.43 -0.78 -16.01
C MET A 312 -11.61 -1.47 -16.69
N PHE A 313 -12.84 -0.99 -16.49
CA PHE A 313 -13.94 -1.57 -17.25
C PHE A 313 -13.73 -1.38 -18.77
N TYR A 314 -13.43 -0.15 -19.18
CA TYR A 314 -13.16 0.10 -20.60
C TYR A 314 -11.99 -0.73 -21.11
N ALA A 315 -10.97 -0.95 -20.27
CA ALA A 315 -9.81 -1.73 -20.71
C ALA A 315 -10.19 -3.18 -20.99
N ILE A 316 -10.96 -3.81 -20.08
CA ILE A 316 -11.48 -5.16 -20.31
C ILE A 316 -12.29 -5.22 -21.60
N LYS A 317 -13.23 -4.30 -21.76
CA LYS A 317 -14.11 -4.37 -22.94
C LYS A 317 -13.34 -4.10 -24.22
N ASN A 318 -12.43 -3.12 -24.18
CA ASN A 318 -11.65 -2.80 -25.37
C ASN A 318 -10.67 -3.92 -25.70
N GLN A 319 -10.10 -4.59 -24.69
CA GLN A 319 -9.23 -5.71 -24.99
C GLN A 319 -10.03 -6.87 -25.58
N LYS A 320 -11.27 -7.09 -25.08
CA LYS A 320 -12.14 -8.09 -25.69
C LYS A 320 -12.47 -7.72 -27.14
N LEU A 321 -12.74 -6.45 -27.40
CA LEU A 321 -13.03 -6.00 -28.76
C LEU A 321 -11.86 -6.27 -29.70
N MET A 322 -10.63 -5.99 -29.26
CA MET A 322 -9.47 -6.25 -30.12
C MET A 322 -9.36 -7.73 -30.45
N GLY A 323 -9.54 -8.59 -29.46
CA GLY A 323 -9.49 -10.01 -29.70
C GLY A 323 -10.60 -10.48 -30.63
N GLU A 324 -11.79 -9.89 -30.50
CA GLU A 324 -12.89 -10.25 -31.39
C GLU A 324 -12.57 -9.87 -32.83
N ILE A 325 -11.98 -8.70 -33.02
CA ILE A 325 -11.66 -8.24 -34.38
C ILE A 325 -10.56 -9.08 -34.99
N GLU A 326 -9.56 -9.47 -34.19
CA GLU A 326 -8.51 -10.36 -34.69
C GLU A 326 -9.10 -11.70 -35.13
N ASN A 327 -9.95 -12.29 -34.30
CA ASN A 327 -10.65 -13.52 -34.69
C ASN A 327 -11.50 -13.31 -35.92
N GLU A 328 -12.15 -12.15 -36.03
CA GLU A 328 -12.91 -11.86 -37.25
C GLU A 328 -12.00 -11.90 -38.46
N PHE A 329 -10.81 -11.32 -38.34
CA PHE A 329 -9.85 -11.34 -39.45
C PHE A 329 -9.45 -12.77 -39.77
N GLN A 330 -9.10 -13.54 -38.74
CA GLN A 330 -8.70 -14.94 -38.95
C GLN A 330 -9.79 -15.75 -39.62
N ASP A 331 -11.05 -15.58 -39.21
CA ASP A 331 -12.14 -16.33 -39.83
C ASP A 331 -12.31 -15.92 -41.28
N PHE A 332 -12.19 -14.62 -41.57
CA PHE A 332 -12.29 -14.16 -42.94
C PHE A 332 -11.24 -14.81 -43.82
N LEU A 333 -10.00 -14.89 -43.33
CA LEU A 333 -8.91 -15.51 -44.11
C LEU A 333 -9.17 -16.99 -44.36
N LYS A 334 -9.60 -17.72 -43.32
CA LYS A 334 -9.89 -19.15 -43.46
C LYS A 334 -11.00 -19.41 -44.46
N ASN A 335 -11.96 -18.50 -44.57
CA ASN A 335 -13.10 -18.63 -45.46
C ASN A 335 -12.76 -18.27 -46.91
N GLN A 336 -11.58 -17.74 -47.18
CA GLN A 336 -11.25 -17.37 -48.54
C GLN A 336 -10.96 -18.62 -49.36
N SER A 337 -11.31 -18.57 -50.64
CA SER A 337 -11.05 -19.67 -51.54
C SER A 337 -9.60 -19.67 -51.99
N SER A 338 -8.94 -20.82 -51.83
CA SER A 338 -7.57 -20.94 -52.31
C SER A 338 -7.46 -20.85 -53.83
N LEU A 339 -8.59 -20.79 -54.53
CA LEU A 339 -8.58 -20.67 -55.98
C LEU A 339 -8.59 -19.23 -56.47
N THR A 340 -8.76 -18.27 -55.59
CA THR A 340 -8.60 -16.87 -55.95
C THR A 340 -7.15 -16.57 -56.32
N LEU A 341 -6.96 -15.78 -57.36
CA LEU A 341 -5.63 -15.41 -57.80
C LEU A 341 -4.96 -14.55 -56.73
N PRO A 342 -3.64 -14.61 -56.61
CA PRO A 342 -2.94 -13.91 -55.51
C PRO A 342 -3.17 -12.40 -55.52
N PRO A 343 -3.10 -11.70 -56.67
CA PRO A 343 -3.31 -10.23 -56.59
C PRO A 343 -4.71 -9.86 -56.13
N THR A 344 -5.74 -10.51 -56.66
CA THR A 344 -7.10 -10.26 -56.19
C THR A 344 -7.23 -10.59 -54.71
N MET A 345 -6.63 -11.69 -54.27
CA MET A 345 -6.67 -12.00 -52.85
C MET A 345 -6.06 -10.87 -52.02
N ARG A 346 -4.92 -10.35 -52.44
CA ARG A 346 -4.24 -9.35 -51.62
C ARG A 346 -5.11 -8.11 -51.44
N VAL A 347 -5.85 -7.73 -52.48
CA VAL A 347 -6.73 -6.58 -52.38
C VAL A 347 -7.86 -6.87 -51.39
N LYS A 348 -8.49 -8.04 -51.53
CA LYS A 348 -9.59 -8.40 -50.65
C LYS A 348 -9.15 -8.40 -49.19
N VAL A 349 -7.94 -8.91 -48.92
CA VAL A 349 -7.47 -8.96 -47.55
C VAL A 349 -7.20 -7.54 -47.04
N SER A 350 -6.59 -6.70 -47.88
CA SER A 350 -6.30 -5.32 -47.48
C SER A 350 -7.59 -4.55 -47.17
N GLN A 351 -8.63 -4.74 -47.97
CA GLN A 351 -9.89 -4.04 -47.69
C GLN A 351 -10.52 -4.52 -46.39
N LYS A 352 -10.47 -5.83 -46.12
CA LYS A 352 -10.96 -6.32 -44.83
C LYS A 352 -10.14 -5.74 -43.68
N PHE A 353 -8.82 -5.65 -43.86
CA PHE A 353 -7.93 -5.09 -42.86
C PHE A 353 -8.37 -3.68 -42.48
N SER A 354 -8.55 -2.83 -43.48
CA SER A 354 -9.01 -1.46 -43.27
C SER A 354 -10.40 -1.42 -42.64
N GLU A 355 -11.29 -2.30 -43.09
CA GLU A 355 -12.65 -2.31 -42.56
C GLU A 355 -12.64 -2.66 -41.08
N LEU A 356 -11.74 -3.55 -40.67
CA LEU A 356 -11.71 -3.93 -39.26
C LEU A 356 -11.04 -2.87 -38.39
N LEU A 357 -10.08 -2.11 -38.93
CA LEU A 357 -9.58 -0.97 -38.16
C LEU A 357 -10.67 0.03 -37.90
N GLU A 358 -11.50 0.28 -38.92
CA GLU A 358 -12.63 1.19 -38.75
C GLU A 358 -13.62 0.64 -37.73
N LYS A 359 -13.85 -0.68 -37.76
CA LYS A 359 -14.76 -1.30 -36.80
C LYS A 359 -14.25 -1.12 -35.38
N PHE A 360 -12.94 -1.30 -35.17
CA PHE A 360 -12.39 -1.09 -33.85
C PHE A 360 -12.72 0.31 -33.37
N MET A 361 -12.51 1.30 -34.23
CA MET A 361 -12.66 2.65 -33.75
C MET A 361 -14.13 2.97 -33.58
N GLN A 362 -15.00 2.25 -34.28
CA GLN A 362 -16.42 2.51 -34.17
C GLN A 362 -16.98 1.99 -32.84
N PHE A 363 -16.41 0.92 -32.30
CA PHE A 363 -16.91 0.30 -31.08
C PHE A 363 -16.00 0.46 -29.88
N VAL A 364 -14.82 1.08 -30.01
CA VAL A 364 -13.96 1.25 -28.85
C VAL A 364 -14.66 2.15 -27.84
N GLN A 365 -14.54 1.83 -26.57
CA GLN A 365 -15.22 2.53 -25.49
C GLN A 365 -14.24 3.41 -24.71
N GLY A 366 -14.77 4.44 -24.06
CA GLY A 366 -13.94 5.42 -23.41
C GLY A 366 -13.56 6.56 -24.34
N SER A 367 -12.95 7.58 -23.76
CA SER A 367 -12.65 8.80 -24.51
C SER A 367 -11.18 9.20 -24.44
N ASN A 368 -10.31 8.35 -23.90
CA ASN A 368 -8.87 8.63 -23.88
C ASN A 368 -8.32 8.36 -25.28
N THR A 369 -8.21 9.44 -26.07
CA THR A 369 -7.75 9.34 -27.44
C THR A 369 -6.35 8.72 -27.51
N SER A 370 -5.46 9.15 -26.61
CA SER A 370 -4.09 8.63 -26.58
C SER A 370 -4.07 7.12 -26.44
N SER A 371 -4.92 6.57 -25.58
CA SER A 371 -4.97 5.13 -25.38
C SER A 371 -5.71 4.43 -26.52
N HIS A 372 -6.69 5.08 -27.14
CA HIS A 372 -7.26 4.56 -28.38
C HIS A 372 -6.19 4.40 -29.45
N ASP A 373 -5.32 5.41 -29.59
CA ASP A 373 -4.26 5.34 -30.59
C ASP A 373 -3.29 4.22 -30.30
N ALA A 374 -2.90 4.05 -29.04
CA ALA A 374 -2.01 2.95 -28.70
C ALA A 374 -2.64 1.62 -29.07
N MET A 375 -3.90 1.43 -28.70
CA MET A 375 -4.63 0.20 -29.00
C MET A 375 -4.78 -0.01 -30.50
N LEU A 376 -5.15 1.04 -31.24
CA LEU A 376 -5.26 0.95 -32.69
C LEU A 376 -3.92 0.57 -33.32
N LYS A 377 -2.84 1.23 -32.90
CA LYS A 377 -1.51 0.88 -33.40
C LYS A 377 -1.21 -0.59 -33.13
N ASP A 378 -1.51 -1.05 -31.91
CA ASP A 378 -1.24 -2.45 -31.56
C ASP A 378 -2.09 -3.42 -32.37
N LEU A 379 -3.38 -3.12 -32.54
CA LEU A 379 -4.22 -3.96 -33.39
C LEU A 379 -3.65 -4.02 -34.79
N GLU A 380 -3.16 -2.88 -35.30
CA GLU A 380 -2.68 -2.80 -36.66
C GLU A 380 -1.45 -3.67 -36.86
N VAL A 381 -0.54 -3.72 -35.88
CA VAL A 381 0.64 -4.57 -36.05
C VAL A 381 0.24 -6.04 -36.04
N ARG A 382 -0.70 -6.42 -35.17
CA ARG A 382 -1.07 -7.84 -35.09
C ARG A 382 -1.77 -8.29 -36.36
N LEU A 383 -2.68 -7.47 -36.90
CA LEU A 383 -3.32 -7.81 -38.17
C LEU A 383 -2.31 -7.87 -39.29
N LEU A 384 -1.32 -6.96 -39.30
CA LEU A 384 -0.29 -7.03 -40.34
C LEU A 384 0.48 -8.35 -40.30
N GLU A 385 0.83 -8.84 -39.11
CA GLU A 385 1.48 -10.15 -39.05
C GLU A 385 0.60 -11.22 -39.68
N ILE A 386 -0.68 -11.23 -39.30
CA ILE A 386 -1.61 -12.22 -39.82
C ILE A 386 -1.70 -12.09 -41.33
N GLN A 387 -1.76 -10.87 -41.83
CA GLN A 387 -1.86 -10.63 -43.27
C GLN A 387 -0.62 -11.12 -44.01
N GLU A 388 0.55 -10.71 -43.53
CA GLU A 388 1.82 -11.09 -44.15
C GLU A 388 1.95 -12.60 -44.30
N LYS A 389 1.76 -13.31 -43.19
CA LYS A 389 1.83 -14.77 -43.19
C LYS A 389 0.86 -15.36 -44.20
N PHE A 390 -0.37 -14.85 -44.22
CA PHE A 390 -1.36 -15.39 -45.16
C PHE A 390 -0.96 -15.10 -46.60
N CYS A 391 -0.63 -13.85 -46.91
CA CYS A 391 -0.34 -13.48 -48.29
C CYS A 391 1.00 -14.02 -48.80
N ASN A 392 1.94 -14.37 -47.92
CA ASN A 392 3.15 -15.02 -48.39
C ASN A 392 2.90 -16.49 -48.70
N ASP A 393 2.13 -17.15 -47.86
CA ASP A 393 1.87 -18.57 -48.04
C ASP A 393 0.83 -18.82 -49.12
N PHE A 394 -0.04 -17.84 -49.40
CA PHE A 394 -1.08 -18.00 -50.39
C PHE A 394 -0.47 -18.02 -51.79
PB GDP B . -1.80 11.76 7.50
O1B GDP B . -2.66 10.55 7.74
O2B GDP B . -1.80 12.19 6.02
O3B GDP B . -0.42 11.43 7.94
O3A GDP B . -2.42 12.92 8.45
PA GDP B . -1.67 13.78 9.55
O1A GDP B . -0.82 14.79 8.80
O2A GDP B . -0.94 13.04 10.63
O5' GDP B . -2.92 14.50 10.23
C5' GDP B . -3.88 15.14 9.37
C4' GDP B . -4.84 15.92 10.27
O4' GDP B . -5.58 14.95 10.98
C3' GDP B . -4.18 16.78 11.34
O3' GDP B . -4.93 18.01 11.45
C2' GDP B . -4.34 15.95 12.60
O2' GDP B . -4.28 16.72 13.79
C1' GDP B . -5.69 15.32 12.35
N9 GDP B . -5.92 14.08 13.12
C8 GDP B . -5.08 13.42 13.96
N7 GDP B . -5.70 12.32 14.46
C5 GDP B . -6.93 12.25 13.90
C6 GDP B . -8.10 11.36 13.98
O6 GDP B . -8.07 10.36 14.72
N1 GDP B . -9.19 11.67 13.26
C2 GDP B . -9.24 12.76 12.47
N2 GDP B . -10.37 13.02 11.77
N3 GDP B . -8.21 13.62 12.37
C4 GDP B . -7.06 13.41 13.04
AL ALF C . -0.99 11.99 4.53
F1 ALF C . -1.57 10.33 4.43
F2 ALF C . -0.41 13.69 4.52
F3 ALF C . -2.43 12.61 3.72
F4 ALF C . 0.52 11.43 5.33
MG MG D . 7.12 -11.69 7.82
MG MG E . 1.37 11.63 7.09
#